data_4DKJ
#
_entry.id   4DKJ
#
_cell.length_a   83.950
_cell.length_b   83.950
_cell.length_c   173.840
_cell.angle_alpha   90.00
_cell.angle_beta   90.00
_cell.angle_gamma   90.00
#
_symmetry.space_group_name_H-M   'P 41 21 2'
#
loop_
_entity.id
_entity.type
_entity.pdbx_description
1 polymer 'Cytosine-specific methyltransferase'
2 polymer "DNA (5'-D(*CP*CP*AP*CP*AP*TP*GP*(C37)P*GP*CP*TP*GP*AP*A)-3')"
3 polymer "DNA (5'-D(*GP*TP*TP*CP*AP*GP*(5CM)P*GP*CP*AP*TP*GP*TP*G)-3')"
4 non-polymer S-ADENOSYL-L-HOMOCYSTEINE
5 non-polymer GLYCEROL
6 water water
#
loop_
_entity_poly.entity_id
_entity_poly.type
_entity_poly.pdbx_seq_one_letter_code
_entity_poly.pdbx_strand_id
1 'polypeptide(L)'
;MNSNKDKIKVIKVFEAFAGIGSQFKALKNIARSKNWEIQHSGMVEWFVDAIVSYVAIHSKNFNPKIERLDRDILSISNDS
KMPISEYGIKKINNTIKASYLNYAKKHFNNLFDIKKVNKDNFPKNIDIFTYSFPCQDLSVQGLQKGIDKELNTRSGLLWE
IERILEEIKNSFSKEEMPKYLLMENVKNLLSHKNKKNYNTWLKQLEKFGYKSKTYLLNSKNFDNCQNRERVFCLSIRDDY
LEKTGFKFKELEKVKNPPKKIKDILVDSSNYKYLNLNKYETTTFRETKSNIISRPLKNYTTFNSENYVYNINGIGPTLTA
SGANSRIKIETQQGVRYLTPLECFKYMQFDVNDFKKVQSTNLISENKMIYIAGNSIPVKILEAIFNTLEFVNNEELEHHH
HHH
;
A
2 'polydeoxyribonucleotide' (DC)(DC)(DA)(DC)(DA)(DT)(DG)(C37)(DG)(DC)(DT)(DG)(DA)(DA) B
3 'polydeoxyribonucleotide' (DG)(DT)(DT)(DC)(DA)(DG)(5CM)(DG)(DC)(DA)(DT)(DG)(DT)(DG) C
#
# COMPACT_ATOMS: atom_id res chain seq x y z
N ASP A 6 -18.29 25.26 -10.61
CA ASP A 6 -18.45 25.46 -9.14
C ASP A 6 -17.10 25.41 -8.43
N LYS A 7 -17.10 25.21 -7.11
CA LYS A 7 -15.85 25.12 -6.35
C LYS A 7 -15.32 23.67 -6.23
N ILE A 8 -15.71 22.80 -7.16
CA ILE A 8 -15.14 21.45 -7.23
C ILE A 8 -13.68 21.51 -7.68
N LYS A 9 -12.77 21.06 -6.81
CA LYS A 9 -11.34 21.02 -7.12
C LYS A 9 -10.93 19.68 -7.70
N VAL A 10 -10.37 19.71 -8.91
CA VAL A 10 -9.92 18.51 -9.59
C VAL A 10 -8.54 18.13 -9.06
N ILE A 11 -8.45 16.92 -8.50
CA ILE A 11 -7.23 16.48 -7.82
C ILE A 11 -6.59 15.37 -8.64
N LYS A 12 -5.46 15.69 -9.23
CA LYS A 12 -4.75 14.76 -10.11
C LYS A 12 -3.69 14.02 -9.31
N VAL A 13 -3.88 12.70 -9.17
CA VAL A 13 -3.02 11.87 -8.34
C VAL A 13 -2.18 10.98 -9.23
N PHE A 14 -0.90 10.85 -8.85
CA PHE A 14 0.04 9.96 -9.51
C PHE A 14 0.59 8.98 -8.48
N GLU A 15 0.36 7.70 -8.70
CA GLU A 15 0.73 6.67 -7.74
C GLU A 15 1.92 5.85 -8.20
N ALA A 16 3.12 6.13 -7.68
CA ALA A 16 4.29 5.28 -7.95
C ALA A 16 4.28 4.08 -7.01
N PHE A 17 4.51 2.89 -7.55
CA PHE A 17 4.44 1.64 -6.78
C PHE A 17 3.00 1.50 -6.29
N ALA A 18 2.06 1.60 -7.22
CA ALA A 18 0.64 1.84 -6.91
C ALA A 18 -0.06 0.68 -6.17
N GLY A 19 0.43 -0.53 -6.39
CA GLY A 19 -0.23 -1.73 -5.84
C GLY A 19 -1.67 -1.82 -6.28
N ILE A 20 -2.58 -2.02 -5.33
CA ILE A 20 -4.01 -2.07 -5.62
C ILE A 20 -4.73 -0.72 -5.38
N GLY A 21 -3.95 0.34 -5.15
CA GLY A 21 -4.49 1.70 -5.10
C GLY A 21 -5.15 2.10 -3.79
N SER A 22 -4.55 1.75 -2.65
CA SER A 22 -5.06 2.24 -1.36
C SER A 22 -5.14 3.78 -1.34
N GLN A 23 -4.20 4.40 -2.04
N GLN A 23 -4.19 4.41 -2.04
CA GLN A 23 -4.09 5.85 -2.17
CA GLN A 23 -4.09 5.86 -2.19
C GLN A 23 -5.28 6.44 -2.94
C GLN A 23 -5.30 6.42 -2.93
N PHE A 24 -5.56 5.88 -4.11
CA PHE A 24 -6.72 6.28 -4.90
C PHE A 24 -8.04 6.01 -4.17
N LYS A 25 -8.14 4.84 -3.53
CA LYS A 25 -9.31 4.50 -2.72
C LYS A 25 -9.58 5.53 -1.62
N ALA A 26 -8.55 5.90 -0.88
CA ALA A 26 -8.70 6.85 0.24
C ALA A 26 -9.14 8.23 -0.25
N LEU A 27 -8.60 8.67 -1.39
CA LEU A 27 -9.00 9.96 -1.95
C LEU A 27 -10.46 9.98 -2.43
N LYS A 28 -10.89 8.92 -3.11
N LYS A 28 -10.88 8.92 -3.11
CA LYS A 28 -12.30 8.81 -3.55
CA LYS A 28 -12.27 8.78 -3.54
C LYS A 28 -13.25 8.68 -2.36
C LYS A 28 -13.23 8.71 -2.35
N ASN A 29 -12.76 8.14 -1.24
CA ASN A 29 -13.56 8.02 -0.02
C ASN A 29 -13.83 9.36 0.65
N ILE A 30 -12.85 10.27 0.62
CA ILE A 30 -13.01 11.59 1.25
C ILE A 30 -13.40 12.71 0.25
N ALA A 31 -13.40 12.38 -1.04
CA ALA A 31 -13.58 13.37 -2.11
C ALA A 31 -14.80 14.28 -1.91
N ARG A 32 -15.98 13.67 -1.74
N ARG A 32 -15.98 13.70 -1.71
CA ARG A 32 -17.23 14.43 -1.57
CA ARG A 32 -17.20 14.52 -1.63
C ARG A 32 -17.17 15.37 -0.37
C ARG A 32 -17.21 15.38 -0.35
N SER A 33 -16.58 14.92 0.72
CA SER A 33 -16.45 15.71 1.95
C SER A 33 -15.50 16.91 1.78
N LYS A 34 -14.60 16.83 0.80
CA LYS A 34 -13.62 17.88 0.50
C LYS A 34 -14.00 18.74 -0.71
N ASN A 35 -15.10 18.36 -1.36
CA ASN A 35 -15.53 18.88 -2.66
C ASN A 35 -14.39 18.73 -3.67
N TRP A 36 -13.86 17.51 -3.75
CA TRP A 36 -12.80 17.19 -4.69
C TRP A 36 -13.33 16.24 -5.74
N GLU A 37 -12.73 16.30 -6.92
CA GLU A 37 -12.97 15.33 -7.97
C GLU A 37 -11.63 14.67 -8.26
N ILE A 38 -11.54 13.37 -8.00
CA ILE A 38 -10.27 12.66 -8.09
C ILE A 38 -10.05 12.13 -9.51
N GLN A 39 -8.89 12.43 -10.07
CA GLN A 39 -8.53 12.08 -11.43
C GLN A 39 -7.21 11.30 -11.45
N HIS A 40 -7.13 10.29 -12.32
CA HIS A 40 -5.87 9.56 -12.53
C HIS A 40 -4.92 10.37 -13.38
N SER A 41 -3.81 10.78 -12.81
CA SER A 41 -2.74 11.43 -13.57
C SER A 41 -1.83 10.36 -14.14
N GLY A 42 -1.70 9.27 -13.40
CA GLY A 42 -0.89 8.17 -13.83
C GLY A 42 -0.51 7.30 -12.67
N MET A 43 0.18 6.21 -12.98
CA MET A 43 0.62 5.25 -11.97
C MET A 43 1.84 4.47 -12.47
N VAL A 44 2.52 3.82 -11.54
CA VAL A 44 3.62 2.92 -11.87
C VAL A 44 3.46 1.67 -11.05
N GLU A 45 3.12 0.57 -11.72
CA GLU A 45 2.99 -0.73 -11.09
C GLU A 45 3.27 -1.79 -12.13
N TRP A 46 4.24 -2.67 -11.84
CA TRP A 46 4.62 -3.73 -12.77
C TRP A 46 4.10 -5.12 -12.43
N PHE A 47 3.49 -5.27 -11.24
CA PHE A 47 3.09 -6.58 -10.70
C PHE A 47 1.74 -7.00 -11.28
N VAL A 48 1.74 -8.05 -12.09
CA VAL A 48 0.56 -8.42 -12.87
C VAL A 48 -0.71 -8.57 -11.99
N ASP A 49 -0.60 -9.25 -10.86
CA ASP A 49 -1.77 -9.44 -9.99
C ASP A 49 -2.32 -8.13 -9.38
N ALA A 50 -1.42 -7.24 -9.02
CA ALA A 50 -1.78 -5.91 -8.51
C ALA A 50 -2.46 -5.07 -9.59
N ILE A 51 -1.93 -5.12 -10.80
CA ILE A 51 -2.49 -4.34 -11.91
C ILE A 51 -3.89 -4.82 -12.27
N VAL A 52 -4.03 -6.13 -12.45
CA VAL A 52 -5.34 -6.72 -12.69
C VAL A 52 -6.31 -6.30 -11.59
N SER A 53 -5.86 -6.37 -10.34
CA SER A 53 -6.71 -6.06 -9.19
C SER A 53 -7.01 -4.57 -9.06
N TYR A 54 -6.04 -3.73 -9.42
CA TYR A 54 -6.23 -2.28 -9.46
C TYR A 54 -7.34 -1.93 -10.46
N VAL A 55 -7.25 -2.51 -11.65
CA VAL A 55 -8.25 -2.31 -12.66
C VAL A 55 -9.62 -2.80 -12.17
N ALA A 56 -9.67 -4.01 -11.62
CA ALA A 56 -10.94 -4.54 -11.09
C ALA A 56 -11.59 -3.59 -10.09
N ILE A 57 -10.80 -3.09 -9.14
CA ILE A 57 -11.30 -2.24 -8.05
C ILE A 57 -11.70 -0.82 -8.51
N HIS A 58 -10.89 -0.21 -9.37
CA HIS A 58 -11.04 1.20 -9.71
C HIS A 58 -11.66 1.51 -11.09
N SER A 59 -11.80 0.50 -11.94
N SER A 59 -11.75 0.53 -11.99
CA SER A 59 -12.45 0.67 -13.25
CA SER A 59 -12.36 0.78 -13.31
C SER A 59 -13.93 1.02 -13.14
C SER A 59 -13.87 0.95 -13.19
N LYS A 60 -14.38 1.78 -14.13
N LYS A 60 -14.44 1.80 -14.04
CA LYS A 60 -15.80 1.98 -14.39
CA LYS A 60 -15.89 2.05 -14.01
C LYS A 60 -16.09 1.53 -15.81
C LYS A 60 -16.66 1.10 -14.94
N ASN A 61 -17.08 0.66 -15.96
N ASN A 61 -16.58 1.33 -16.25
CA ASN A 61 -17.50 0.22 -17.29
CA ASN A 61 -17.29 0.44 -17.19
C ASN A 61 -16.33 -0.33 -18.13
C ASN A 61 -16.31 -0.30 -18.11
N PHE A 62 -15.46 -1.11 -17.50
CA PHE A 62 -14.43 -1.88 -18.19
C PHE A 62 -14.99 -3.27 -18.44
N ASN A 63 -14.89 -3.72 -19.68
CA ASN A 63 -15.37 -5.02 -20.08
C ASN A 63 -14.19 -5.84 -20.60
N PRO A 64 -13.67 -6.76 -19.78
CA PRO A 64 -12.52 -7.57 -20.18
C PRO A 64 -12.84 -8.45 -21.38
N LYS A 65 -11.86 -8.60 -22.27
CA LYS A 65 -11.98 -9.53 -23.39
C LYS A 65 -10.61 -10.08 -23.78
N ILE A 66 -10.60 -11.15 -24.55
CA ILE A 66 -9.35 -11.68 -25.09
C ILE A 66 -8.70 -10.63 -25.97
N GLU A 67 -7.46 -10.25 -25.63
CA GLU A 67 -6.72 -9.27 -26.38
C GLU A 67 -5.26 -9.65 -26.53
N ARG A 68 -4.65 -9.13 -27.60
N ARG A 68 -4.64 -9.12 -27.59
CA ARG A 68 -3.20 -9.08 -27.75
CA ARG A 68 -3.19 -9.15 -27.73
C ARG A 68 -2.65 -8.13 -26.71
C ARG A 68 -2.62 -8.12 -26.77
N LEU A 69 -1.51 -8.46 -26.12
CA LEU A 69 -0.84 -7.55 -25.19
C LEU A 69 -0.14 -6.43 -25.97
N ASP A 70 -0.41 -5.17 -25.61
CA ASP A 70 0.33 -4.04 -26.20
C ASP A 70 1.81 -4.35 -26.25
N ARG A 71 2.41 -4.06 -27.41
N ARG A 71 2.40 -4.04 -27.39
CA ARG A 71 3.77 -4.48 -27.74
CA ARG A 71 3.74 -4.50 -27.74
C ARG A 71 4.86 -3.83 -26.89
C ARG A 71 4.86 -3.81 -26.93
N ASP A 72 4.58 -2.67 -26.31
CA ASP A 72 5.56 -2.03 -25.42
C ASP A 72 5.34 -2.32 -23.92
N ILE A 73 4.42 -3.24 -23.58
CA ILE A 73 4.26 -3.71 -22.19
C ILE A 73 5.28 -4.85 -22.02
N LEU A 74 6.49 -4.48 -21.66
CA LEU A 74 7.63 -5.39 -21.69
C LEU A 74 8.27 -5.60 -20.33
N SER A 75 8.04 -4.67 -19.41
CA SER A 75 8.63 -4.77 -18.08
C SER A 75 7.52 -4.91 -17.02
N ILE A 76 7.15 -6.16 -16.78
CA ILE A 76 6.12 -6.57 -15.87
C ILE A 76 6.59 -7.80 -15.11
N SER A 77 5.91 -8.13 -14.02
CA SER A 77 6.37 -9.20 -13.15
C SER A 77 5.18 -10.03 -12.66
N ASN A 78 5.36 -11.36 -12.63
CA ASN A 78 4.34 -12.26 -12.10
C ASN A 78 4.47 -12.51 -10.60
N ASP A 79 5.68 -12.34 -10.06
CA ASP A 79 5.94 -12.53 -8.63
C ASP A 79 6.14 -11.21 -7.85
N SER A 80 6.28 -10.09 -8.59
CA SER A 80 6.54 -8.74 -8.06
C SER A 80 8.04 -8.42 -7.82
N LYS A 81 8.90 -9.43 -7.92
N LYS A 81 8.90 -9.42 -7.96
CA LYS A 81 10.34 -9.27 -7.70
CA LYS A 81 10.32 -9.29 -7.64
C LYS A 81 11.11 -9.38 -9.03
C LYS A 81 11.21 -9.40 -8.88
N MET A 82 10.76 -10.37 -9.84
N MET A 82 10.80 -10.24 -9.82
CA MET A 82 11.47 -10.70 -11.09
CA MET A 82 11.61 -10.49 -11.03
C MET A 82 10.73 -10.19 -12.32
C MET A 82 10.78 -10.20 -12.28
N PRO A 83 11.45 -9.73 -13.35
CA PRO A 83 10.74 -9.43 -14.61
C PRO A 83 10.33 -10.72 -15.28
N ILE A 84 9.17 -10.72 -15.93
CA ILE A 84 8.69 -11.87 -16.70
C ILE A 84 9.56 -12.08 -17.94
N SER A 85 9.78 -13.34 -18.30
CA SER A 85 10.51 -13.67 -19.51
C SER A 85 9.67 -13.36 -20.76
N GLU A 86 10.35 -13.37 -21.90
CA GLU A 86 9.71 -13.25 -23.22
C GLU A 86 8.61 -14.31 -23.38
N TYR A 87 8.87 -15.50 -22.86
CA TYR A 87 7.89 -16.59 -22.88
C TYR A 87 6.67 -16.32 -22.01
N GLY A 88 6.91 -15.82 -20.80
CA GLY A 88 5.83 -15.46 -19.89
C GLY A 88 4.93 -14.37 -20.48
N ILE A 89 5.54 -13.46 -21.24
CA ILE A 89 4.81 -12.40 -21.97
C ILE A 89 3.92 -13.01 -23.05
N LYS A 90 4.48 -13.95 -23.80
N LYS A 90 4.48 -13.94 -23.81
CA LYS A 90 3.74 -14.69 -24.82
CA LYS A 90 3.74 -14.69 -24.82
C LYS A 90 2.52 -15.40 -24.23
C LYS A 90 2.52 -15.40 -24.23
N LYS A 91 2.67 -15.98 -23.04
CA LYS A 91 1.56 -16.64 -22.32
C LYS A 91 0.42 -15.67 -21.91
N ILE A 92 0.77 -14.40 -21.68
CA ILE A 92 -0.23 -13.35 -21.37
C ILE A 92 -0.91 -12.84 -22.67
N ASN A 93 -0.16 -12.84 -23.76
CA ASN A 93 -0.69 -12.45 -25.07
C ASN A 93 -1.87 -13.31 -25.49
N ASN A 94 -2.93 -12.65 -25.94
CA ASN A 94 -4.17 -13.34 -26.42
C ASN A 94 -4.92 -14.02 -25.29
N THR A 95 -5.11 -13.25 -24.22
CA THR A 95 -5.87 -13.66 -23.06
C THR A 95 -6.72 -12.49 -22.55
N ILE A 96 -7.69 -12.80 -21.71
CA ILE A 96 -8.49 -11.80 -21.00
C ILE A 96 -7.59 -10.90 -20.12
N LYS A 97 -6.63 -11.52 -19.45
CA LYS A 97 -5.67 -10.83 -18.57
C LYS A 97 -4.91 -9.71 -19.29
N ALA A 98 -4.53 -9.94 -20.54
CA ALA A 98 -3.90 -8.90 -21.35
C ALA A 98 -4.75 -7.65 -21.41
N SER A 99 -6.07 -7.80 -21.52
CA SER A 99 -6.98 -6.65 -21.57
C SER A 99 -6.92 -5.77 -20.32
N TYR A 100 -6.71 -6.38 -19.15
CA TYR A 100 -6.52 -5.62 -17.91
C TYR A 100 -5.24 -4.76 -17.97
N LEU A 101 -4.16 -5.36 -18.46
CA LEU A 101 -2.88 -4.69 -18.57
C LEU A 101 -2.92 -3.55 -19.59
N ASN A 102 -3.52 -3.83 -20.74
CA ASN A 102 -3.82 -2.81 -21.76
C ASN A 102 -4.66 -1.62 -21.24
N TYR A 103 -5.69 -1.94 -20.46
CA TYR A 103 -6.58 -0.93 -19.87
C TYR A 103 -5.84 -0.03 -18.87
N ALA A 104 -5.00 -0.65 -18.04
CA ALA A 104 -4.16 0.09 -17.07
C ALA A 104 -3.26 1.10 -17.77
N LYS A 105 -2.64 0.68 -18.87
CA LYS A 105 -1.78 1.54 -19.68
C LYS A 105 -2.56 2.71 -20.28
N LYS A 106 -3.65 2.37 -20.95
CA LYS A 106 -4.41 3.33 -21.74
C LYS A 106 -5.25 4.29 -20.91
N HIS A 107 -6.02 3.74 -19.97
N HIS A 107 -6.03 3.75 -19.97
CA HIS A 107 -6.97 4.52 -19.16
CA HIS A 107 -6.98 4.55 -19.19
C HIS A 107 -6.43 5.06 -17.84
C HIS A 107 -6.44 5.05 -17.84
N PHE A 108 -5.51 4.33 -17.23
CA PHE A 108 -4.88 4.81 -15.96
C PHE A 108 -3.47 5.36 -16.14
N ASN A 109 -2.99 5.39 -17.37
CA ASN A 109 -1.63 5.86 -17.66
C ASN A 109 -0.60 5.12 -16.81
N ASN A 110 -0.71 3.79 -16.78
CA ASN A 110 0.29 3.00 -16.08
C ASN A 110 1.59 2.99 -16.90
N LEU A 111 2.67 3.42 -16.28
CA LEU A 111 3.98 3.40 -16.91
C LEU A 111 4.77 2.14 -16.51
N PHE A 112 4.18 1.32 -15.64
CA PHE A 112 4.66 -0.03 -15.30
C PHE A 112 5.96 -0.09 -14.50
N ASP A 113 7.07 0.33 -15.09
CA ASP A 113 8.38 0.18 -14.47
C ASP A 113 8.91 1.56 -14.13
N ILE A 114 9.20 1.81 -12.84
CA ILE A 114 9.70 3.08 -12.37
C ILE A 114 10.99 3.54 -13.07
N LYS A 115 11.81 2.57 -13.47
CA LYS A 115 13.04 2.86 -14.20
C LYS A 115 12.77 3.46 -15.58
N LYS A 116 11.58 3.19 -16.11
N LYS A 116 11.57 3.18 -16.12
CA LYS A 116 11.14 3.70 -17.41
CA LYS A 116 11.14 3.72 -17.42
C LYS A 116 10.41 5.06 -17.29
C LYS A 116 10.42 5.07 -17.30
N VAL A 117 10.35 5.61 -16.09
CA VAL A 117 9.68 6.89 -15.85
C VAL A 117 10.76 7.95 -15.95
N ASN A 118 10.46 9.02 -16.69
CA ASN A 118 11.41 10.10 -16.93
C ASN A 118 10.67 11.41 -17.20
N LYS A 119 11.40 12.48 -17.47
CA LYS A 119 10.81 13.82 -17.67
C LYS A 119 9.97 13.92 -18.93
N ASP A 120 10.15 12.97 -19.84
CA ASP A 120 9.41 12.95 -21.11
C ASP A 120 8.04 12.24 -21.03
N ASN A 121 7.82 11.48 -19.95
CA ASN A 121 6.53 10.82 -19.70
C ASN A 121 5.89 11.07 -18.33
N PHE A 122 6.62 11.73 -17.43
CA PHE A 122 6.06 12.10 -16.11
C PHE A 122 5.10 13.29 -16.27
N PRO A 123 3.82 13.13 -15.85
CA PRO A 123 2.86 14.21 -16.05
C PRO A 123 3.18 15.49 -15.29
N LYS A 124 2.83 16.61 -15.90
CA LYS A 124 3.00 17.93 -15.29
C LYS A 124 1.76 18.22 -14.43
N ASN A 125 1.93 19.10 -13.43
CA ASN A 125 0.83 19.66 -12.63
C ASN A 125 0.10 18.66 -11.73
N ILE A 126 0.85 17.63 -11.30
CA ILE A 126 0.33 16.66 -10.35
C ILE A 126 0.07 17.34 -9.01
N ASP A 127 -1.07 17.02 -8.44
CA ASP A 127 -1.47 17.56 -7.15
C ASP A 127 -0.95 16.70 -6.01
N ILE A 128 -1.04 15.39 -6.18
CA ILE A 128 -0.58 14.42 -5.17
C ILE A 128 0.25 13.32 -5.83
N PHE A 129 1.50 13.19 -5.41
CA PHE A 129 2.39 12.15 -5.89
C PHE A 129 2.70 11.22 -4.74
N THR A 130 2.31 9.95 -4.86
CA THR A 130 2.58 8.98 -3.82
C THR A 130 3.70 8.02 -4.24
N TYR A 131 4.49 7.60 -3.26
CA TYR A 131 5.55 6.62 -3.51
C TYR A 131 5.71 5.68 -2.30
N SER A 132 4.91 4.62 -2.28
CA SER A 132 5.06 3.55 -1.30
C SER A 132 6.03 2.52 -1.86
N PHE A 133 7.30 2.84 -1.73
CA PHE A 133 8.35 2.08 -2.39
C PHE A 133 8.55 0.74 -1.67
N PRO A 134 9.22 -0.22 -2.32
CA PRO A 134 9.33 -1.57 -1.73
C PRO A 134 9.96 -1.62 -0.32
N CYS A 135 9.43 -2.49 0.54
CA CYS A 135 9.86 -2.55 1.95
C CYS A 135 10.78 -3.71 2.27
N GLN A 136 10.98 -4.54 1.26
N GLN A 136 10.98 -4.60 1.30
CA GLN A 136 11.56 -5.85 1.40
CA GLN A 136 11.54 -5.94 1.60
C GLN A 136 12.90 -5.85 2.16
C GLN A 136 12.93 -5.87 2.23
N ASP A 137 13.79 -4.97 1.73
CA ASP A 137 15.14 -4.83 2.26
C ASP A 137 15.19 -3.92 3.50
N LEU A 138 14.04 -3.34 3.86
CA LEU A 138 13.88 -2.53 5.07
C LEU A 138 13.19 -3.27 6.21
N SER A 139 12.29 -4.21 5.89
CA SER A 139 11.47 -4.87 6.92
C SER A 139 12.30 -5.64 7.94
N VAL A 140 11.97 -5.53 9.23
CA VAL A 140 12.57 -6.40 10.27
C VAL A 140 12.32 -7.89 10.05
N GLN A 141 11.24 -8.23 9.35
CA GLN A 141 10.91 -9.62 9.05
C GLN A 141 11.86 -10.25 8.00
N GLY A 142 12.51 -9.42 7.19
CA GLY A 142 13.36 -9.91 6.09
C GLY A 142 14.84 -9.98 6.43
N LEU A 143 15.69 -9.79 5.42
CA LEU A 143 17.16 -9.93 5.55
C LEU A 143 17.93 -8.62 5.82
N GLN A 144 17.23 -7.50 5.65
N GLN A 144 17.22 -7.50 5.69
CA GLN A 144 17.73 -6.17 6.00
CA GLN A 144 17.75 -6.17 6.01
C GLN A 144 18.99 -5.79 5.21
C GLN A 144 19.01 -5.83 5.19
N LYS A 145 18.95 -6.03 3.90
N LYS A 145 18.94 -6.02 3.88
CA LYS A 145 20.06 -5.61 3.02
CA LYS A 145 20.04 -5.61 2.99
C LYS A 145 20.16 -4.08 2.92
C LYS A 145 20.15 -4.08 2.90
N GLY A 146 19.03 -3.41 3.16
CA GLY A 146 19.00 -1.95 3.25
C GLY A 146 18.86 -1.26 1.91
N ILE A 147 19.21 0.02 1.88
CA ILE A 147 19.01 0.84 0.69
C ILE A 147 20.24 1.64 0.33
N ASP A 148 21.43 1.08 0.61
CA ASP A 148 22.67 1.67 0.10
C ASP A 148 22.60 1.71 -1.42
N LYS A 149 22.89 2.87 -1.99
CA LYS A 149 22.89 3.09 -3.46
C LYS A 149 23.66 2.02 -4.24
N GLU A 150 24.83 1.66 -3.71
CA GLU A 150 25.75 0.69 -4.34
C GLU A 150 25.16 -0.72 -4.52
N LEU A 151 24.24 -1.07 -3.63
CA LEU A 151 23.72 -2.43 -3.55
C LEU A 151 22.60 -2.68 -4.55
N ASN A 152 21.94 -1.61 -5.01
CA ASN A 152 20.86 -1.71 -6.00
C ASN A 152 19.77 -2.71 -5.58
N THR A 153 19.25 -2.49 -4.37
CA THR A 153 18.23 -3.37 -3.79
C THR A 153 16.84 -2.91 -4.25
N ARG A 154 15.82 -3.68 -3.94
N ARG A 154 15.84 -3.71 -3.95
CA ARG A 154 14.48 -3.32 -4.36
CA ARG A 154 14.45 -3.38 -4.31
C ARG A 154 13.90 -2.14 -3.56
C ARG A 154 13.96 -2.13 -3.57
N SER A 155 14.20 -2.07 -2.26
CA SER A 155 13.87 -0.89 -1.48
C SER A 155 14.70 0.34 -1.98
N GLY A 156 15.89 0.08 -2.50
CA GLY A 156 16.74 1.08 -3.15
C GLY A 156 16.16 1.77 -4.39
N LEU A 157 15.01 1.27 -4.88
CA LEU A 157 14.23 1.92 -5.94
C LEU A 157 13.71 3.29 -5.50
N LEU A 158 13.76 3.56 -4.20
CA LEU A 158 13.66 4.94 -3.69
C LEU A 158 14.51 5.93 -4.50
N TRP A 159 15.73 5.54 -4.86
CA TRP A 159 16.62 6.43 -5.60
C TRP A 159 16.22 6.65 -7.06
N GLU A 160 15.30 5.82 -7.57
CA GLU A 160 14.63 6.12 -8.84
C GLU A 160 13.72 7.34 -8.72
N ILE A 161 13.06 7.50 -7.58
CA ILE A 161 12.24 8.70 -7.31
C ILE A 161 13.17 9.94 -7.29
N GLU A 162 14.34 9.82 -6.68
CA GLU A 162 15.34 10.89 -6.67
C GLU A 162 15.71 11.28 -8.09
N ARG A 163 16.08 10.28 -8.90
CA ARG A 163 16.35 10.51 -10.32
C ARG A 163 15.23 11.30 -11.01
N ILE A 164 13.99 10.84 -10.85
CA ILE A 164 12.86 11.45 -11.56
C ILE A 164 12.66 12.92 -11.18
N LEU A 165 12.65 13.19 -9.87
CA LEU A 165 12.55 14.57 -9.36
C LEU A 165 13.67 15.47 -9.89
N GLU A 166 14.90 14.97 -9.85
N GLU A 166 14.89 14.94 -9.87
CA GLU A 166 16.07 15.68 -10.42
CA GLU A 166 16.07 15.64 -10.41
C GLU A 166 15.81 16.07 -11.88
C GLU A 166 15.89 16.02 -11.88
N GLU A 167 15.38 15.08 -12.67
CA GLU A 167 15.09 15.31 -14.09
C GLU A 167 14.02 16.38 -14.30
N ILE A 168 12.88 16.23 -13.65
CA ILE A 168 11.74 17.12 -13.91
C ILE A 168 11.95 18.54 -13.36
N LYS A 169 12.75 18.65 -12.30
CA LYS A 169 13.12 19.92 -11.70
C LYS A 169 13.70 20.89 -12.73
N ASN A 170 14.49 20.35 -13.67
CA ASN A 170 15.14 21.12 -14.71
C ASN A 170 14.27 21.45 -15.91
N SER A 171 13.31 20.59 -16.22
CA SER A 171 12.45 20.73 -17.41
C SER A 171 11.09 21.34 -17.12
N PHE A 172 10.60 21.18 -15.90
CA PHE A 172 9.30 21.67 -15.49
C PHE A 172 9.46 23.05 -14.90
N SER A 173 8.43 23.89 -15.03
CA SER A 173 8.35 25.07 -14.16
C SER A 173 8.16 24.59 -12.72
N LYS A 174 8.45 25.48 -11.77
CA LYS A 174 8.21 25.24 -10.35
C LYS A 174 6.75 24.83 -10.07
N GLU A 175 5.82 25.51 -10.74
CA GLU A 175 4.38 25.28 -10.60
C GLU A 175 3.88 23.98 -11.24
N GLU A 176 4.68 23.42 -12.15
CA GLU A 176 4.38 22.12 -12.78
C GLU A 176 4.84 20.94 -11.93
N MET A 177 5.73 21.20 -10.98
CA MET A 177 6.23 20.16 -10.07
C MET A 177 5.08 19.68 -9.17
N PRO A 178 5.10 18.38 -8.75
CA PRO A 178 4.01 17.92 -7.87
C PRO A 178 3.84 18.79 -6.61
N LYS A 179 2.58 19.01 -6.24
CA LYS A 179 2.26 19.92 -5.13
C LYS A 179 2.54 19.25 -3.79
N TYR A 180 2.02 18.04 -3.64
CA TYR A 180 2.24 17.19 -2.47
C TYR A 180 2.92 15.87 -2.87
N LEU A 181 3.85 15.41 -2.03
CA LEU A 181 4.42 14.09 -2.13
C LEU A 181 4.10 13.31 -0.86
N LEU A 182 3.82 12.02 -1.00
CA LEU A 182 3.63 11.14 0.17
C LEU A 182 4.39 9.82 0.04
N MET A 183 5.40 9.64 0.87
CA MET A 183 6.10 8.37 1.04
C MET A 183 5.42 7.51 2.10
N GLU A 184 5.43 6.19 1.89
CA GLU A 184 5.08 5.22 2.91
C GLU A 184 6.12 4.13 2.91
N ASN A 185 6.49 3.68 4.11
CA ASN A 185 7.25 2.45 4.27
C ASN A 185 7.12 1.90 5.69
N VAL A 186 7.87 0.83 5.94
CA VAL A 186 7.77 0.09 7.20
C VAL A 186 8.61 0.79 8.29
N LYS A 187 8.34 0.39 9.53
CA LYS A 187 8.89 1.08 10.69
C LYS A 187 10.42 1.01 10.76
N ASN A 188 10.99 -0.09 10.28
CA ASN A 188 12.43 -0.29 10.36
C ASN A 188 13.23 0.69 9.49
N LEU A 189 12.56 1.47 8.65
CA LEU A 189 13.19 2.59 7.93
C LEU A 189 13.83 3.60 8.88
N LEU A 190 13.29 3.68 10.10
CA LEU A 190 13.81 4.58 11.12
C LEU A 190 14.83 3.93 12.04
N SER A 191 15.31 2.75 11.68
CA SER A 191 16.37 2.06 12.43
C SER A 191 17.68 2.85 12.34
N HIS A 192 18.62 2.52 13.23
N HIS A 192 18.62 2.54 13.23
CA HIS A 192 19.92 3.19 13.29
CA HIS A 192 19.91 3.23 13.27
C HIS A 192 20.72 3.00 12.02
C HIS A 192 20.73 3.01 12.00
N LYS A 193 20.71 1.79 11.49
CA LYS A 193 21.44 1.45 10.25
C LYS A 193 20.83 2.11 9.01
N ASN A 194 19.53 2.38 9.03
CA ASN A 194 18.84 3.05 7.93
C ASN A 194 18.74 4.58 8.02
N LYS A 195 19.04 5.17 9.18
N LYS A 195 19.06 5.15 9.18
CA LYS A 195 18.87 6.62 9.38
CA LYS A 195 18.90 6.59 9.40
C LYS A 195 19.72 7.44 8.42
C LYS A 195 19.72 7.44 8.43
N LYS A 196 20.99 7.07 8.26
CA LYS A 196 21.89 7.76 7.31
C LYS A 196 21.20 7.94 5.96
N ASN A 197 20.76 6.84 5.37
CA ASN A 197 20.07 6.90 4.08
C ASN A 197 18.76 7.71 4.10
N TYR A 198 17.97 7.56 5.14
CA TYR A 198 16.69 8.28 5.23
C TYR A 198 16.92 9.77 5.33
N ASN A 199 17.87 10.15 6.18
CA ASN A 199 18.29 11.55 6.30
C ASN A 199 18.82 12.12 4.99
N THR A 200 19.61 11.34 4.26
CA THR A 200 20.06 11.72 2.91
C THR A 200 18.87 12.01 2.01
N TRP A 201 17.84 11.18 2.08
CA TRP A 201 16.62 11.41 1.29
C TRP A 201 15.87 12.69 1.68
N LEU A 202 15.69 12.93 2.98
CA LEU A 202 15.07 14.18 3.45
C LEU A 202 15.81 15.44 2.98
N LYS A 203 17.14 15.40 2.98
CA LYS A 203 17.94 16.52 2.49
C LYS A 203 17.74 16.77 0.98
N GLN A 204 17.64 15.70 0.20
N GLN A 204 17.64 15.70 0.21
CA GLN A 204 17.35 15.82 -1.23
CA GLN A 204 17.35 15.82 -1.23
C GLN A 204 15.98 16.46 -1.47
C GLN A 204 15.98 16.46 -1.48
N LEU A 205 14.98 16.07 -0.70
CA LEU A 205 13.63 16.63 -0.81
C LEU A 205 13.66 18.15 -0.58
N GLU A 206 14.42 18.59 0.42
N GLU A 206 14.43 18.57 0.42
CA GLU A 206 14.61 20.02 0.63
CA GLU A 206 14.71 19.98 0.65
C GLU A 206 15.35 20.65 -0.55
C GLU A 206 15.35 20.62 -0.58
N LYS A 207 16.38 19.96 -1.04
N LYS A 207 16.41 19.99 -1.06
CA LYS A 207 17.09 20.35 -2.28
CA LYS A 207 17.08 20.42 -2.29
C LYS A 207 16.11 20.59 -3.44
C LYS A 207 16.10 20.62 -3.45
N PHE A 208 15.11 19.72 -3.58
CA PHE A 208 14.10 19.82 -4.65
C PHE A 208 13.00 20.86 -4.42
N GLY A 209 13.04 21.52 -3.27
CA GLY A 209 12.11 22.60 -2.96
C GLY A 209 10.86 22.15 -2.22
N TYR A 210 11.01 21.12 -1.39
CA TYR A 210 9.88 20.61 -0.62
C TYR A 210 10.13 20.80 0.87
N LYS A 211 9.04 21.07 1.59
N LYS A 211 9.06 21.07 1.60
CA LYS A 211 9.02 21.03 3.05
CA LYS A 211 9.11 20.99 3.04
C LYS A 211 8.30 19.75 3.49
C LYS A 211 8.30 19.78 3.52
N SER A 212 8.91 18.99 4.40
CA SER A 212 8.43 17.66 4.74
C SER A 212 8.27 17.43 6.25
N LYS A 213 7.40 16.50 6.59
CA LYS A 213 7.24 16.00 7.94
C LYS A 213 7.16 14.48 7.94
N THR A 214 7.87 13.86 8.88
CA THR A 214 7.82 12.43 9.09
C THR A 214 6.84 12.05 10.19
N TYR A 215 5.98 11.09 9.89
CA TYR A 215 5.02 10.53 10.85
C TYR A 215 5.23 9.03 10.99
N LEU A 216 5.21 8.54 12.21
CA LEU A 216 5.11 7.11 12.46
C LEU A 216 3.73 6.90 13.04
N LEU A 217 2.87 6.24 12.28
CA LEU A 217 1.45 6.11 12.61
C LEU A 217 1.05 4.65 12.73
N ASN A 218 0.18 4.35 13.70
CA ASN A 218 -0.34 3.01 13.86
C ASN A 218 -1.80 2.95 13.40
N SER A 219 -2.08 2.02 12.49
CA SER A 219 -3.43 1.76 11.97
C SER A 219 -4.45 1.60 13.09
N LYS A 220 -4.02 1.07 14.23
CA LYS A 220 -4.94 0.85 15.34
C LYS A 220 -5.55 2.14 15.90
N ASN A 221 -4.90 3.28 15.62
CA ASN A 221 -5.38 4.61 16.02
C ASN A 221 -6.26 5.29 14.96
N PHE A 222 -6.43 4.60 13.83
CA PHE A 222 -7.24 5.07 12.71
C PHE A 222 -8.32 4.05 12.36
N ASP A 223 -9.09 3.70 13.40
N ASP A 223 -9.11 3.71 13.38
CA ASP A 223 -10.32 2.90 13.28
CA ASP A 223 -10.34 2.90 13.23
C ASP A 223 -10.09 1.51 12.70
C ASP A 223 -10.11 1.49 12.71
N ASN A 224 -8.99 0.88 13.09
CA ASN A 224 -8.67 -0.48 12.60
C ASN A 224 -8.33 -1.43 13.75
N CYS A 225 -8.54 -2.71 13.50
CA CYS A 225 -8.25 -3.78 14.45
C CYS A 225 -6.92 -4.48 14.14
N GLN A 226 -5.94 -3.70 13.68
CA GLN A 226 -4.67 -4.20 13.22
C GLN A 226 -3.56 -3.34 13.81
N ASN A 227 -2.59 -3.99 14.44
CA ASN A 227 -1.34 -3.33 14.78
C ASN A 227 -0.51 -3.22 13.50
N ARG A 228 -0.30 -2.01 13.02
CA ARG A 228 0.48 -1.79 11.82
C ARG A 228 1.08 -0.41 11.87
N GLU A 229 2.37 -0.36 12.15
CA GLU A 229 3.08 0.90 12.30
C GLU A 229 3.81 1.19 11.01
N ARG A 230 3.49 2.31 10.39
CA ARG A 230 4.10 2.70 9.13
C ARG A 230 4.64 4.13 9.20
N VAL A 231 5.69 4.36 8.42
CA VAL A 231 6.33 5.65 8.33
C VAL A 231 5.81 6.34 7.09
N PHE A 232 5.43 7.60 7.26
CA PHE A 232 5.00 8.45 6.17
C PHE A 232 5.83 9.70 6.18
N CYS A 233 6.24 10.13 4.98
CA CYS A 233 6.86 11.43 4.77
C CYS A 233 5.96 12.19 3.81
N LEU A 234 5.20 13.11 4.39
CA LEU A 234 4.37 14.05 3.67
C LEU A 234 5.21 15.28 3.35
N SER A 235 5.29 15.63 2.06
CA SER A 235 6.01 16.81 1.58
C SER A 235 5.07 17.77 0.85
N ILE A 236 5.31 19.05 1.04
CA ILE A 236 4.62 20.11 0.31
C ILE A 236 5.65 21.01 -0.39
N ARG A 237 5.35 21.38 -1.63
CA ARG A 237 6.22 22.24 -2.40
C ARG A 237 6.27 23.62 -1.72
N ASP A 238 7.50 24.12 -1.52
N ASP A 238 7.47 24.17 -1.49
CA ASP A 238 7.80 25.35 -0.77
CA ASP A 238 7.59 25.40 -0.68
C ASP A 238 6.83 26.49 -1.05
C ASP A 238 6.72 26.55 -1.20
N ASP A 239 6.69 26.84 -2.33
N ASP A 239 6.80 26.80 -2.50
CA ASP A 239 5.83 27.95 -2.73
CA ASP A 239 5.85 27.66 -3.20
C ASP A 239 4.34 27.66 -2.54
C ASP A 239 4.45 27.60 -2.61
N TYR A 240 3.92 26.39 -2.68
CA TYR A 240 2.49 26.08 -2.51
C TYR A 240 2.07 26.15 -1.05
N LEU A 241 3.02 25.86 -0.16
CA LEU A 241 2.85 26.05 1.27
C LEU A 241 2.58 27.52 1.61
N GLU A 242 3.29 28.43 0.95
CA GLU A 242 3.09 29.86 1.13
C GLU A 242 1.77 30.33 0.55
N LYS A 243 1.43 29.81 -0.63
N LYS A 243 1.42 29.81 -0.63
CA LYS A 243 0.20 30.21 -1.33
CA LYS A 243 0.17 30.19 -1.32
C LYS A 243 -1.08 29.71 -0.61
C LYS A 243 -1.08 29.72 -0.58
N THR A 244 -1.04 28.51 -0.02
CA THR A 244 -2.20 27.93 0.67
C THR A 244 -2.28 28.27 2.15
N GLY A 245 -1.13 28.55 2.78
CA GLY A 245 -1.07 28.65 4.24
C GLY A 245 -1.20 27.31 4.96
N PHE A 246 -1.00 26.21 4.21
CA PHE A 246 -1.05 24.86 4.79
C PHE A 246 -0.13 24.74 6.01
N LYS A 247 -0.62 24.03 7.03
CA LYS A 247 0.16 23.65 8.21
C LYS A 247 0.08 22.12 8.41
N PHE A 248 1.20 21.52 8.80
CA PHE A 248 1.25 20.09 9.06
C PHE A 248 0.45 19.77 10.32
N LYS A 249 -0.50 18.84 10.21
N LYS A 249 -0.51 18.87 10.20
CA LYS A 249 -1.24 18.37 11.40
CA LYS A 249 -1.34 18.47 11.34
C LYS A 249 -0.37 17.47 12.27
C LYS A 249 -0.64 17.35 12.12
N GLU A 250 -0.74 17.37 13.54
N GLU A 250 -0.79 17.40 13.44
CA GLU A 250 -0.04 16.49 14.48
CA GLU A 250 0.00 16.53 14.30
C GLU A 250 -0.72 15.11 14.55
C GLU A 250 -0.69 15.16 14.52
N LEU A 251 -0.58 14.35 13.47
CA LEU A 251 -1.29 13.06 13.34
C LEU A 251 -0.85 11.95 14.28
N GLU A 252 0.34 12.03 14.85
CA GLU A 252 0.80 11.00 15.79
C GLU A 252 0.06 11.05 17.13
N LYS A 253 -0.60 12.19 17.42
N LYS A 253 -0.59 12.18 17.43
CA LYS A 253 -1.40 12.35 18.64
CA LYS A 253 -1.36 12.31 18.66
C LYS A 253 -2.81 11.79 18.48
C LYS A 253 -2.82 11.84 18.47
N VAL A 254 -3.23 11.53 17.23
CA VAL A 254 -4.59 11.03 16.96
C VAL A 254 -4.85 9.63 17.59
N LYS A 255 -5.99 9.52 18.27
CA LYS A 255 -6.45 8.24 18.83
C LYS A 255 -7.95 8.16 18.65
N ASN A 256 -8.40 7.25 17.80
CA ASN A 256 -9.83 7.07 17.55
C ASN A 256 -10.35 5.92 18.43
N PRO A 257 -11.67 5.71 18.49
CA PRO A 257 -12.16 4.57 19.28
C PRO A 257 -11.57 3.23 18.82
N PRO A 258 -11.39 2.30 19.77
CA PRO A 258 -10.87 0.96 19.43
C PRO A 258 -11.76 0.22 18.45
N LYS A 259 -11.14 -0.61 17.62
CA LYS A 259 -11.85 -1.62 16.85
C LYS A 259 -11.18 -2.98 17.12
N LYS A 260 -11.98 -4.03 17.22
N LYS A 260 -11.99 -4.03 17.18
CA LYS A 260 -11.50 -5.38 17.47
CA LYS A 260 -11.53 -5.39 17.46
C LYS A 260 -11.66 -6.26 16.23
C LYS A 260 -11.64 -6.25 16.22
N ILE A 261 -10.88 -7.34 16.17
CA ILE A 261 -10.92 -8.27 15.04
C ILE A 261 -12.35 -8.76 14.76
N LYS A 262 -13.09 -9.03 15.84
N LYS A 262 -13.10 -9.02 15.84
CA LYS A 262 -14.48 -9.48 15.79
CA LYS A 262 -14.48 -9.49 15.76
C LYS A 262 -15.36 -8.61 14.89
C LYS A 262 -15.38 -8.60 14.91
N ASP A 263 -15.10 -7.30 14.93
CA ASP A 263 -15.88 -6.32 14.17
C ASP A 263 -15.79 -6.47 12.65
N ILE A 264 -14.81 -7.21 12.13
CA ILE A 264 -14.68 -7.39 10.66
C ILE A 264 -14.91 -8.84 10.20
N LEU A 265 -15.12 -9.75 11.12
CA LEU A 265 -15.20 -11.17 10.75
C LEU A 265 -16.49 -11.47 10.01
N VAL A 266 -16.39 -12.37 9.05
CA VAL A 266 -17.50 -12.74 8.18
C VAL A 266 -18.01 -14.13 8.61
N ASP A 267 -19.31 -14.24 8.80
CA ASP A 267 -19.90 -15.51 9.20
C ASP A 267 -19.94 -16.48 8.02
N SER A 268 -19.56 -17.73 8.27
CA SER A 268 -19.70 -18.80 7.30
C SER A 268 -19.93 -20.13 7.98
N SER A 269 -20.66 -20.99 7.28
CA SER A 269 -20.86 -22.39 7.65
C SER A 269 -19.79 -23.35 7.15
N ASN A 270 -18.89 -22.88 6.29
N ASN A 270 -18.87 -22.87 6.32
CA ASN A 270 -17.97 -23.77 5.58
CA ASN A 270 -17.96 -23.76 5.61
C ASN A 270 -16.50 -23.35 5.67
C ASN A 270 -16.51 -23.30 5.66
N TYR A 271 -16.09 -22.83 6.83
CA TYR A 271 -14.68 -22.49 7.04
C TYR A 271 -13.86 -23.74 7.33
N LYS A 272 -12.58 -23.70 6.96
N LYS A 272 -12.57 -23.66 7.01
CA LYS A 272 -11.64 -24.75 7.31
CA LYS A 272 -11.61 -24.71 7.31
C LYS A 272 -10.95 -24.39 8.64
C LYS A 272 -10.94 -24.38 8.64
N TYR A 273 -11.05 -25.28 9.62
CA TYR A 273 -10.44 -25.06 10.93
C TYR A 273 -9.16 -25.88 11.09
N LEU A 274 -8.22 -25.30 11.83
CA LEU A 274 -6.93 -25.92 12.01
C LEU A 274 -7.00 -26.93 13.13
N ASN A 275 -6.35 -28.07 12.92
CA ASN A 275 -6.17 -29.07 13.95
C ASN A 275 -4.91 -28.76 14.75
N LEU A 276 -5.12 -28.23 15.95
CA LEU A 276 -4.04 -27.86 16.83
C LEU A 276 -4.01 -28.72 18.08
N ASN A 277 -4.70 -29.85 18.03
CA ASN A 277 -4.80 -30.77 19.19
C ASN A 277 -3.43 -31.23 19.74
N LYS A 278 -2.46 -31.38 18.83
N LYS A 278 -2.47 -31.38 18.84
CA LYS A 278 -1.11 -31.85 19.15
CA LYS A 278 -1.11 -31.84 19.14
C LYS A 278 -0.30 -30.84 19.99
C LYS A 278 -0.31 -30.85 19.99
N TYR A 279 -0.67 -29.57 19.92
CA TYR A 279 0.14 -28.49 20.51
C TYR A 279 -0.33 -27.96 21.87
N GLU A 280 0.60 -27.92 22.81
N GLU A 280 0.60 -27.94 22.82
CA GLU A 280 0.37 -27.32 24.11
CA GLU A 280 0.39 -27.30 24.10
C GLU A 280 0.25 -25.79 23.96
C GLU A 280 0.24 -25.78 23.95
N THR A 281 -0.49 -25.18 24.89
CA THR A 281 -0.76 -23.73 24.84
C THR A 281 -0.94 -23.17 26.25
N THR A 282 -1.27 -21.88 26.32
CA THR A 282 -1.34 -21.13 27.56
C THR A 282 -2.58 -20.25 27.55
N THR A 283 -2.80 -19.52 28.64
CA THR A 283 -3.80 -18.47 28.66
C THR A 283 -3.47 -17.39 27.61
N PHE A 284 -4.51 -16.70 27.17
CA PHE A 284 -4.34 -15.49 26.40
C PHE A 284 -3.68 -14.43 27.27
N ARG A 285 -2.82 -13.64 26.65
N ARG A 285 -2.80 -13.65 26.67
CA ARG A 285 -2.14 -12.53 27.31
CA ARG A 285 -2.19 -12.52 27.35
C ARG A 285 -2.26 -11.28 26.43
C ARG A 285 -2.26 -11.29 26.45
N GLU A 286 -2.58 -10.15 27.06
CA GLU A 286 -2.70 -8.87 26.36
C GLU A 286 -1.45 -8.03 26.58
N THR A 287 -0.83 -7.56 25.50
CA THR A 287 0.29 -6.63 25.58
C THR A 287 -0.22 -5.18 25.66
N LYS A 288 0.69 -4.23 25.82
N LYS A 288 0.68 -4.22 25.80
CA LYS A 288 0.34 -2.81 25.91
CA LYS A 288 0.27 -2.82 25.94
C LYS A 288 -0.42 -2.32 24.67
C LYS A 288 -0.29 -2.21 24.65
N SER A 289 -0.09 -2.89 23.52
CA SER A 289 -0.70 -2.50 22.24
C SER A 289 -2.14 -3.00 22.04
N ASN A 290 -2.65 -3.84 22.93
CA ASN A 290 -4.01 -4.42 22.79
C ASN A 290 -4.07 -5.63 21.85
N ILE A 291 -2.91 -6.18 21.50
CA ILE A 291 -2.83 -7.53 20.92
C ILE A 291 -3.00 -8.58 22.01
N ILE A 292 -4.02 -9.42 21.86
CA ILE A 292 -4.28 -10.50 22.79
C ILE A 292 -3.97 -11.84 22.11
N SER A 293 -2.95 -12.51 22.60
CA SER A 293 -2.45 -13.70 21.93
C SER A 293 -2.01 -14.76 22.92
N ARG A 294 -1.81 -15.96 22.39
CA ARG A 294 -1.31 -17.09 23.16
C ARG A 294 -0.44 -17.91 22.23
N PRO A 295 0.66 -18.48 22.75
CA PRO A 295 1.59 -19.28 21.96
C PRO A 295 1.20 -20.74 21.81
N LEU A 296 1.60 -21.31 20.67
CA LEU A 296 1.56 -22.74 20.42
C LEU A 296 2.96 -23.28 20.62
N LYS A 297 3.09 -24.26 21.52
N LYS A 297 3.09 -24.25 21.52
CA LYS A 297 4.38 -24.86 21.83
CA LYS A 297 4.36 -24.89 21.85
C LYS A 297 4.68 -26.03 20.90
C LYS A 297 4.67 -26.02 20.88
N ASN A 298 5.94 -26.14 20.50
CA ASN A 298 6.41 -27.17 19.55
C ASN A 298 5.69 -27.13 18.19
N TYR A 299 5.27 -25.93 17.77
CA TYR A 299 4.47 -25.73 16.58
C TYR A 299 5.43 -25.58 15.41
N THR A 300 6.18 -24.48 15.39
CA THR A 300 7.30 -24.33 14.46
C THR A 300 8.46 -23.73 15.24
N THR A 301 9.59 -23.54 14.56
CA THR A 301 10.73 -22.79 15.10
C THR A 301 10.75 -21.31 14.72
N PHE A 302 9.71 -20.84 14.03
CA PHE A 302 9.62 -19.47 13.53
C PHE A 302 8.63 -18.73 14.43
N ASN A 303 9.18 -17.88 15.31
CA ASN A 303 8.38 -17.22 16.38
C ASN A 303 7.06 -16.68 15.88
N SER A 304 7.12 -15.86 14.83
CA SER A 304 5.95 -15.13 14.36
C SER A 304 4.82 -16.04 13.83
N GLU A 305 5.13 -17.29 13.52
CA GLU A 305 4.13 -18.30 13.13
C GLU A 305 3.37 -18.95 14.32
N ASN A 306 3.88 -18.76 15.54
CA ASN A 306 3.48 -19.60 16.69
C ASN A 306 2.41 -19.01 17.60
N TYR A 307 1.64 -18.04 17.10
CA TYR A 307 0.62 -17.38 17.91
C TYR A 307 -0.79 -17.53 17.35
N VAL A 308 -1.75 -17.69 18.27
CA VAL A 308 -3.18 -17.59 17.95
C VAL A 308 -3.69 -16.32 18.59
N TYR A 309 -4.51 -15.57 17.86
CA TYR A 309 -5.01 -14.27 18.31
C TYR A 309 -6.48 -14.34 18.78
N ASN A 310 -6.76 -13.60 19.84
CA ASN A 310 -8.10 -13.41 20.39
C ASN A 310 -8.81 -12.32 19.59
N ILE A 311 -10.06 -12.57 19.21
CA ILE A 311 -10.82 -11.66 18.37
C ILE A 311 -11.37 -10.45 19.12
N ASN A 312 -11.15 -10.41 20.43
CA ASN A 312 -11.56 -9.30 21.27
C ASN A 312 -10.51 -8.19 21.38
N GLY A 313 -9.35 -8.41 20.75
CA GLY A 313 -8.30 -7.40 20.65
C GLY A 313 -8.04 -7.05 19.21
N ILE A 314 -6.87 -6.46 18.98
CA ILE A 314 -6.39 -6.20 17.62
C ILE A 314 -5.43 -7.32 17.20
N GLY A 315 -5.14 -7.42 15.92
CA GLY A 315 -4.27 -8.46 15.42
C GLY A 315 -2.93 -7.88 14.99
N PRO A 316 -2.06 -8.73 14.44
CA PRO A 316 -0.72 -8.31 14.04
C PRO A 316 -0.73 -7.68 12.64
N THR A 317 0.38 -7.06 12.27
CA THR A 317 0.59 -6.55 10.91
C THR A 317 0.37 -7.66 9.88
N LEU A 318 -0.56 -7.43 8.94
CA LEU A 318 -0.71 -8.31 7.77
C LEU A 318 0.48 -8.15 6.83
N THR A 319 1.25 -9.23 6.64
CA THR A 319 2.29 -9.26 5.64
C THR A 319 1.81 -9.94 4.35
N ALA A 320 2.53 -9.68 3.26
CA ALA A 320 2.18 -10.23 1.97
C ALA A 320 2.32 -11.74 1.96
N SER A 321 3.42 -12.22 2.56
CA SER A 321 3.77 -13.62 2.63
C SER A 321 4.04 -14.12 4.08
N GLY A 322 4.29 -15.43 4.19
CA GLY A 322 4.82 -16.01 5.43
C GLY A 322 3.88 -15.97 6.62
N ALA A 323 4.49 -15.98 7.81
CA ALA A 323 3.77 -16.12 9.09
C ALA A 323 2.62 -15.11 9.30
N ASN A 324 2.89 -13.83 9.02
CA ASN A 324 1.89 -12.77 9.24
C ASN A 324 0.91 -12.58 8.06
N SER A 325 0.98 -13.46 7.06
CA SER A 325 -0.07 -13.58 6.06
C SER A 325 -1.03 -14.71 6.43
N ARG A 326 -0.69 -15.46 7.48
CA ARG A 326 -1.44 -16.61 7.94
C ARG A 326 -1.84 -16.33 9.40
N ILE A 327 -2.82 -15.44 9.56
CA ILE A 327 -3.19 -14.94 10.88
C ILE A 327 -4.26 -15.85 11.49
N LYS A 328 -3.85 -16.58 12.52
CA LYS A 328 -4.74 -17.56 13.20
C LYS A 328 -5.54 -16.83 14.26
N ILE A 329 -6.86 -16.96 14.15
CA ILE A 329 -7.78 -16.37 15.13
C ILE A 329 -8.62 -17.48 15.81
N GLU A 330 -8.91 -17.28 17.09
CA GLU A 330 -9.74 -18.22 17.82
C GLU A 330 -11.21 -17.77 17.78
N THR A 331 -12.06 -18.60 17.18
CA THR A 331 -13.50 -18.36 17.17
C THR A 331 -14.19 -19.50 17.89
N GLN A 332 -15.49 -19.37 18.13
N GLN A 332 -15.49 -19.37 18.13
CA GLN A 332 -16.25 -20.42 18.81
CA GLN A 332 -16.25 -20.42 18.83
C GLN A 332 -16.23 -21.74 18.03
C GLN A 332 -16.24 -21.74 18.05
N GLN A 333 -16.18 -21.65 16.71
N GLN A 333 -16.10 -21.63 16.74
CA GLN A 333 -16.18 -22.83 15.84
CA GLN A 333 -16.17 -22.78 15.85
C GLN A 333 -14.79 -23.48 15.70
C GLN A 333 -14.79 -23.45 15.66
N GLY A 334 -13.76 -22.82 16.22
CA GLY A 334 -12.38 -23.31 16.13
C GLY A 334 -11.39 -22.23 15.73
N VAL A 335 -10.13 -22.63 15.55
CA VAL A 335 -9.09 -21.72 15.09
C VAL A 335 -8.98 -21.81 13.56
N ARG A 336 -8.93 -20.65 12.93
CA ARG A 336 -8.83 -20.56 11.49
C ARG A 336 -8.01 -19.35 11.08
N TYR A 337 -7.57 -19.34 9.83
CA TYR A 337 -6.92 -18.15 9.28
C TYR A 337 -7.94 -17.08 8.91
N LEU A 338 -7.53 -15.82 9.04
CA LEU A 338 -8.26 -14.73 8.39
C LEU A 338 -8.29 -15.01 6.91
N THR A 339 -9.47 -14.85 6.30
CA THR A 339 -9.71 -15.20 4.89
C THR A 339 -9.26 -14.03 4.00
N PRO A 340 -9.10 -14.26 2.67
CA PRO A 340 -8.83 -13.13 1.78
C PRO A 340 -9.82 -11.95 1.91
N LEU A 341 -11.12 -12.22 1.97
CA LEU A 341 -12.12 -11.16 2.18
C LEU A 341 -11.79 -10.38 3.44
N GLU A 342 -11.61 -11.13 4.52
CA GLU A 342 -11.29 -10.55 5.84
C GLU A 342 -9.97 -9.79 5.83
N CYS A 343 -8.97 -10.25 5.07
CA CYS A 343 -7.73 -9.49 4.91
C CYS A 343 -7.92 -8.18 4.16
N PHE A 344 -8.77 -8.18 3.14
CA PHE A 344 -9.15 -6.93 2.47
C PHE A 344 -9.81 -5.96 3.45
N LYS A 345 -10.74 -6.46 4.25
CA LYS A 345 -11.41 -5.63 5.28
C LYS A 345 -10.42 -5.12 6.35
N TYR A 346 -9.43 -5.96 6.66
CA TYR A 346 -8.33 -5.69 7.59
C TYR A 346 -7.44 -4.51 7.12
N MET A 347 -7.37 -4.32 5.80
CA MET A 347 -6.68 -3.18 5.21
C MET A 347 -7.63 -2.02 4.88
N GLN A 348 -8.89 -2.14 5.29
CA GLN A 348 -9.92 -1.11 5.17
C GLN A 348 -10.37 -0.84 3.73
N PHE A 349 -10.20 -1.85 2.89
CA PHE A 349 -10.92 -1.93 1.63
C PHE A 349 -12.30 -2.47 2.01
N ASP A 350 -13.23 -2.36 1.04
N ASP A 350 -13.27 -2.36 1.12
CA ASP A 350 -14.64 -2.74 1.20
CA ASP A 350 -14.59 -2.89 1.45
C ASP A 350 -14.87 -4.17 0.69
C ASP A 350 -14.87 -4.18 0.71
N VAL A 351 -15.97 -4.80 1.10
CA VAL A 351 -16.40 -6.09 0.55
C VAL A 351 -16.59 -6.05 -0.98
N ASN A 352 -17.10 -4.94 -1.50
N ASN A 352 -17.10 -4.94 -1.51
CA ASN A 352 -17.30 -4.78 -2.93
CA ASN A 352 -17.30 -4.80 -2.96
C ASN A 352 -15.99 -4.71 -3.71
C ASN A 352 -15.97 -4.74 -3.71
N ASP A 353 -14.97 -4.12 -3.09
CA ASP A 353 -13.60 -4.13 -3.66
C ASP A 353 -13.07 -5.56 -3.82
N PHE A 354 -13.24 -6.35 -2.76
CA PHE A 354 -12.82 -7.74 -2.78
C PHE A 354 -13.58 -8.57 -3.82
N LYS A 355 -14.89 -8.36 -3.91
N LYS A 355 -14.88 -8.36 -3.92
CA LYS A 355 -15.73 -9.10 -4.87
CA LYS A 355 -15.72 -9.10 -4.87
C LYS A 355 -15.31 -8.85 -6.30
C LYS A 355 -15.31 -8.84 -6.31
N LYS A 356 -15.00 -7.59 -6.62
CA LYS A 356 -14.46 -7.22 -7.92
C LYS A 356 -13.15 -7.93 -8.28
N VAL A 357 -12.23 -8.02 -7.34
CA VAL A 357 -10.98 -8.77 -7.56
C VAL A 357 -11.28 -10.28 -7.74
N GLN A 358 -12.11 -10.81 -6.85
CA GLN A 358 -12.53 -12.21 -6.92
C GLN A 358 -13.19 -12.58 -8.25
N SER A 359 -14.10 -11.72 -8.71
CA SER A 359 -14.84 -11.93 -9.95
C SER A 359 -13.99 -11.92 -11.22
N THR A 360 -12.76 -11.42 -11.15
CA THR A 360 -11.86 -11.46 -12.31
C THR A 360 -11.52 -12.90 -12.66
N ASN A 361 -11.58 -13.75 -11.65
CA ASN A 361 -11.18 -15.17 -11.76
C ASN A 361 -9.71 -15.37 -12.16
N LEU A 362 -8.87 -14.39 -11.86
CA LEU A 362 -7.45 -14.43 -12.23
C LEU A 362 -6.49 -14.40 -11.05
N ILE A 363 -7.00 -14.10 -9.86
CA ILE A 363 -6.15 -13.90 -8.67
C ILE A 363 -6.46 -14.99 -7.65
N SER A 364 -5.46 -15.83 -7.37
CA SER A 364 -5.57 -16.87 -6.35
C SER A 364 -5.82 -16.27 -4.97
N GLU A 365 -6.34 -17.08 -4.05
CA GLU A 365 -6.54 -16.66 -2.66
C GLU A 365 -5.27 -16.15 -1.99
N ASN A 366 -4.15 -16.87 -2.16
CA ASN A 366 -2.87 -16.47 -1.60
C ASN A 366 -2.30 -15.19 -2.24
N LYS A 367 -2.54 -15.00 -3.55
CA LYS A 367 -2.17 -13.75 -4.23
C LYS A 367 -3.06 -12.59 -3.79
N MET A 368 -4.32 -12.84 -3.49
CA MET A 368 -5.21 -11.80 -2.96
C MET A 368 -4.72 -11.31 -1.59
N ILE A 369 -4.28 -12.23 -0.75
CA ILE A 369 -3.66 -11.87 0.54
C ILE A 369 -2.32 -11.15 0.34
N TYR A 370 -1.54 -11.60 -0.64
CA TYR A 370 -0.26 -10.99 -0.97
C TYR A 370 -0.42 -9.51 -1.28
N ILE A 371 -1.36 -9.18 -2.16
CA ILE A 371 -1.59 -7.79 -2.55
C ILE A 371 -2.24 -6.95 -1.43
N ALA A 372 -3.06 -7.58 -0.57
CA ALA A 372 -3.58 -6.89 0.60
C ALA A 372 -2.45 -6.55 1.57
N GLY A 373 -1.60 -7.52 1.86
CA GLY A 373 -0.47 -7.34 2.74
C GLY A 373 0.54 -6.33 2.31
N ASN A 374 0.65 -6.12 1.00
CA ASN A 374 1.51 -5.08 0.44
C ASN A 374 0.90 -3.67 0.56
N SER A 375 -0.38 -3.59 0.91
CA SER A 375 -1.11 -2.34 0.81
C SER A 375 -0.98 -1.47 2.05
N ILE A 376 -1.79 -0.43 2.12
CA ILE A 376 -1.81 0.51 3.25
C ILE A 376 -3.24 0.63 3.77
N PRO A 377 -3.43 0.49 5.10
CA PRO A 377 -4.79 0.68 5.60
C PRO A 377 -5.38 2.04 5.18
N VAL A 378 -6.52 1.99 4.49
CA VAL A 378 -7.07 3.11 3.73
C VAL A 378 -7.37 4.32 4.62
N LYS A 379 -7.84 4.10 5.84
CA LYS A 379 -8.20 5.20 6.75
C LYS A 379 -7.01 5.97 7.31
N ILE A 380 -5.81 5.39 7.32
CA ILE A 380 -4.62 6.18 7.63
C ILE A 380 -4.42 7.23 6.54
N LEU A 381 -4.50 6.80 5.29
CA LEU A 381 -4.40 7.71 4.15
C LEU A 381 -5.52 8.74 4.11
N GLU A 382 -6.75 8.34 4.45
CA GLU A 382 -7.84 9.32 4.52
C GLU A 382 -7.48 10.43 5.50
N ALA A 383 -6.90 10.06 6.64
CA ALA A 383 -6.53 11.04 7.67
C ALA A 383 -5.44 11.99 7.17
N ILE A 384 -4.42 11.46 6.50
CA ILE A 384 -3.34 12.25 5.95
C ILE A 384 -3.87 13.19 4.86
N PHE A 385 -4.60 12.62 3.89
CA PHE A 385 -5.13 13.41 2.77
C PHE A 385 -6.15 14.48 3.21
N ASN A 386 -6.81 14.23 4.33
N ASN A 386 -6.83 14.22 4.32
CA ASN A 386 -7.76 15.20 4.88
CA ASN A 386 -7.76 15.20 4.90
C ASN A 386 -7.07 16.51 5.31
C ASN A 386 -7.08 16.51 5.32
N THR A 387 -5.78 16.45 5.63
CA THR A 387 -5.03 17.62 6.06
C THR A 387 -4.53 18.50 4.90
N LEU A 388 -4.63 18.00 3.68
CA LEU A 388 -4.11 18.73 2.52
C LEU A 388 -4.97 19.94 2.15
N GLU A 389 -4.32 20.99 1.68
CA GLU A 389 -5.02 22.18 1.22
C GLU A 389 -4.61 22.51 -0.19
N PHE A 390 -5.61 22.89 -0.98
CA PHE A 390 -5.41 23.35 -2.33
C PHE A 390 -6.04 24.72 -2.53
N VAL A 391 -5.39 25.51 -3.37
CA VAL A 391 -5.82 26.85 -3.71
C VAL A 391 -7.11 26.82 -4.51
N ASN A 392 -8.05 27.65 -4.09
CA ASN A 392 -9.37 27.72 -4.72
C ASN A 392 -9.26 28.07 -6.22
N ASN A 393 -10.19 27.51 -7.00
CA ASN A 393 -10.13 27.54 -8.48
C ASN A 393 -10.03 28.95 -9.06
#